data_4OSE
#
_entry.id   4OSE
#
_cell.length_a   154.920
_cell.length_b   49.060
_cell.length_c   87.290
_cell.angle_alpha   90.000
_cell.angle_beta   94.770
_cell.angle_gamma   90.000
#
_symmetry.space_group_name_H-M   'C 1 2 1'
#
loop_
_entity.id
_entity.type
_entity.pdbx_description
1 polymer 'Putative Hydrolase'
2 water water
#
_entity_poly.entity_id   1
_entity_poly.type   'polypeptide(L)'
_entity_poly.pdbx_seq_one_letter_code
;MAHHHHHHMQINSIKIGPYINLLPLQYIPQHKISYVEFGDPKNKNIILCAHGLTRNAHDFDKIAKELCKNYRIISINYPG
RSDSENLKKPYHYNYTTYIKDTLLFFKRLNIKNPIWLGTSMGGIIGMVLASKYKNIFKALILNDIGAFIDAAPLIKIGDY
AKKTVLLDDLASAKEHLKLIYAQIGIKNEEDWDYLTKYSVISTFGGKYKMNYDPAITKGMQSDNNQEDVKLWSVWNKIKC
RILVIHGMKSQILTKSTIQKMKKTNTFDLYEIKYAGHAPSLMNDEEIYYIESWLKQKS
;
_entity_poly.pdbx_strand_id   A,B
#
# COMPACT_ATOMS: atom_id res chain seq x y z
N MET A 9 5.97 21.68 -5.31
CA MET A 9 4.68 21.86 -5.95
C MET A 9 4.70 23.00 -6.95
N GLN A 10 4.54 22.65 -8.23
CA GLN A 10 4.51 23.65 -9.30
C GLN A 10 3.09 23.97 -9.72
N ILE A 11 2.79 25.27 -9.88
CA ILE A 11 1.51 25.71 -10.40
C ILE A 11 1.70 26.39 -11.75
N ASN A 12 1.41 25.67 -12.82
CA ASN A 12 1.57 26.20 -14.17
C ASN A 12 0.22 26.32 -14.88
N SER A 13 0.24 26.83 -16.10
CA SER A 13 -0.98 27.00 -16.87
C SER A 13 -0.70 27.09 -18.37
N ILE A 14 -1.66 26.61 -19.17
CA ILE A 14 -1.60 26.76 -20.62
C ILE A 14 -2.93 27.29 -21.14
N LYS A 15 -2.89 27.96 -22.28
CA LYS A 15 -4.11 28.42 -22.92
C LYS A 15 -4.47 27.49 -24.07
N ILE A 16 -5.72 27.06 -24.11
CA ILE A 16 -6.20 26.20 -25.19
C ILE A 16 -7.46 26.78 -25.81
N GLY A 17 -7.71 26.44 -27.07
CA GLY A 17 -8.81 27.00 -27.81
C GLY A 17 -8.35 28.15 -28.69
N PRO A 18 -9.29 28.79 -29.39
CA PRO A 18 -10.72 28.47 -29.36
C PRO A 18 -11.06 27.26 -30.23
N TYR A 19 -12.24 26.67 -29.99
CA TYR A 19 -12.76 25.62 -30.86
C TYR A 19 -14.28 25.61 -30.82
N ILE A 20 -14.88 24.75 -31.64
CA ILE A 20 -16.34 24.71 -31.77
C ILE A 20 -16.90 23.34 -31.44
N ASN A 21 -17.89 23.30 -30.56
CA ASN A 21 -18.62 22.08 -30.29
C ASN A 21 -19.82 21.92 -31.21
N LEU A 22 -19.91 20.76 -31.85
CA LEU A 22 -21.04 20.46 -32.72
C LEU A 22 -22.08 19.64 -31.95
N LEU A 23 -23.34 19.98 -32.14
CA LEU A 23 -24.45 19.33 -31.43
C LEU A 23 -24.27 19.33 -29.91
N PRO A 24 -24.70 20.41 -29.24
CA PRO A 24 -25.25 21.58 -29.92
C PRO A 24 -24.14 22.54 -30.34
N LEU A 25 -24.48 23.54 -31.16
CA LEU A 25 -23.50 24.50 -31.62
C LEU A 25 -23.01 25.38 -30.48
N GLN A 26 -21.71 25.32 -30.19
CA GLN A 26 -21.11 26.15 -29.16
C GLN A 26 -19.76 26.69 -29.61
N TYR A 27 -19.48 27.93 -29.25
CA TYR A 27 -18.17 28.52 -29.48
C TYR A 27 -17.41 28.62 -28.16
N ILE A 28 -16.38 27.79 -28.02
CA ILE A 28 -15.58 27.79 -26.80
C ILE A 28 -14.35 28.66 -26.99
N PRO A 29 -14.28 29.78 -26.24
CA PRO A 29 -13.21 30.76 -26.37
C PRO A 29 -11.88 30.22 -25.85
N GLN A 30 -10.79 30.89 -26.20
CA GLN A 30 -9.49 30.59 -25.60
C GLN A 30 -9.57 30.80 -24.09
N HIS A 31 -9.27 29.75 -23.34
CA HIS A 31 -9.34 29.82 -21.88
C HIS A 31 -8.10 29.20 -21.25
N LYS A 32 -7.71 29.73 -20.08
CA LYS A 32 -6.49 29.29 -19.43
C LYS A 32 -6.75 28.10 -18.52
N ILE A 33 -6.04 27.00 -18.77
CA ILE A 33 -6.14 25.83 -17.92
C ILE A 33 -4.93 25.75 -16.99
N SER A 34 -5.17 26.01 -15.71
CA SER A 34 -4.12 25.89 -14.71
C SER A 34 -4.04 24.45 -14.23
N TYR A 35 -2.84 24.03 -13.83
CA TYR A 35 -2.66 22.68 -13.31
C TYR A 35 -1.57 22.61 -12.26
N VAL A 36 -1.65 21.61 -11.40
CA VAL A 36 -0.67 21.41 -10.34
C VAL A 36 0.19 20.19 -10.68
N GLU A 37 1.51 20.38 -10.67
CA GLU A 37 2.43 19.34 -11.08
C GLU A 37 3.43 18.97 -9.98
N PHE A 38 3.67 17.66 -9.84
CA PHE A 38 4.66 17.14 -8.90
C PHE A 38 5.63 16.21 -9.62
N GLY A 39 6.88 16.17 -9.14
CA GLY A 39 7.85 15.21 -9.62
C GLY A 39 8.73 15.69 -10.76
N ASP A 40 9.41 14.75 -11.39
CA ASP A 40 10.33 15.03 -12.48
C ASP A 40 9.59 15.25 -13.79
N PRO A 41 9.75 16.42 -14.41
CA PRO A 41 9.11 16.76 -15.68
C PRO A 41 9.47 15.80 -16.83
N LYS A 42 10.64 15.19 -16.75
CA LYS A 42 11.12 14.32 -17.83
C LYS A 42 10.72 12.86 -17.63
N ASN A 43 10.07 12.56 -16.51
CA ASN A 43 9.63 11.20 -16.22
C ASN A 43 8.57 10.73 -17.20
N LYS A 44 8.79 9.56 -17.81
CA LYS A 44 7.85 9.02 -18.78
C LYS A 44 6.69 8.31 -18.10
N ASN A 45 6.83 8.08 -16.80
CA ASN A 45 5.74 7.50 -16.01
C ASN A 45 4.88 8.62 -15.44
N ILE A 46 3.68 8.77 -15.99
CA ILE A 46 2.82 9.90 -15.66
C ILE A 46 1.50 9.48 -15.04
N ILE A 47 1.12 10.14 -13.95
CA ILE A 47 -0.22 10.00 -13.40
C ILE A 47 -0.96 11.31 -13.56
N LEU A 48 -2.13 11.27 -14.21
CA LEU A 48 -2.95 12.46 -14.33
C LEU A 48 -4.18 12.32 -13.44
N CYS A 49 -4.37 13.30 -12.56
CA CYS A 49 -5.47 13.28 -11.61
C CYS A 49 -6.55 14.27 -12.01
N ALA A 50 -7.80 13.82 -11.97
CA ALA A 50 -8.94 14.65 -12.35
C ALA A 50 -9.94 14.75 -11.20
N HIS A 51 -10.15 15.97 -10.73
CA HIS A 51 -10.96 16.22 -9.54
C HIS A 51 -12.45 15.98 -9.75
N GLY A 52 -13.21 16.13 -8.66
CA GLY A 52 -14.65 15.99 -8.71
C GLY A 52 -15.34 17.21 -9.30
N LEU A 53 -16.66 17.21 -9.26
CA LEU A 53 -17.49 18.26 -9.86
C LEU A 53 -17.10 19.66 -9.40
N THR A 54 -17.19 19.90 -8.09
CA THR A 54 -16.91 21.22 -7.54
C THR A 54 -15.52 21.29 -6.91
N ARG A 55 -14.74 20.24 -7.09
CA ARG A 55 -13.41 20.17 -6.48
C ARG A 55 -12.35 20.76 -7.40
N ASN A 56 -11.08 20.62 -6.99
CA ASN A 56 -9.96 21.12 -7.79
C ASN A 56 -8.73 20.23 -7.67
N ALA A 57 -7.65 20.65 -8.33
CA ALA A 57 -6.45 19.82 -8.47
C ALA A 57 -5.74 19.56 -7.14
N HIS A 58 -5.92 20.47 -6.19
CA HIS A 58 -5.22 20.36 -4.91
C HIS A 58 -5.78 19.25 -4.02
N ASP A 59 -6.84 18.59 -4.48
CA ASP A 59 -7.40 17.44 -3.77
C ASP A 59 -6.45 16.25 -3.85
N PHE A 60 -5.51 16.31 -4.79
CA PHE A 60 -4.57 15.22 -5.02
C PHE A 60 -3.16 15.55 -4.58
N ASP A 61 -3.00 16.66 -3.85
CA ASP A 61 -1.68 17.13 -3.46
C ASP A 61 -0.94 16.14 -2.55
N LYS A 62 -1.63 15.59 -1.56
CA LYS A 62 -0.99 14.71 -0.60
C LYS A 62 -0.54 13.40 -1.22
N ILE A 63 -1.40 12.79 -2.03
CA ILE A 63 -1.06 11.54 -2.68
C ILE A 63 0.02 11.77 -3.75
N ALA A 64 0.05 12.97 -4.31
CA ALA A 64 1.05 13.31 -5.33
C ALA A 64 2.42 13.48 -4.70
N LYS A 65 2.45 14.07 -3.50
CA LYS A 65 3.72 14.29 -2.79
C LYS A 65 4.37 12.96 -2.42
N GLU A 66 3.56 11.93 -2.27
CA GLU A 66 4.05 10.59 -1.93
C GLU A 66 4.50 9.85 -3.18
N LEU A 67 3.81 10.08 -4.30
CA LEU A 67 4.06 9.34 -5.53
C LEU A 67 5.06 10.00 -6.48
N CYS A 68 5.35 11.28 -6.25
CA CYS A 68 6.17 12.05 -7.20
C CYS A 68 7.61 11.54 -7.31
N LYS A 69 8.00 10.65 -6.40
CA LYS A 69 9.33 10.05 -6.45
C LYS A 69 9.43 9.04 -7.60
N ASN A 70 8.31 8.37 -7.89
CA ASN A 70 8.30 7.35 -8.94
C ASN A 70 7.53 7.80 -10.17
N TYR A 71 6.67 8.80 -10.00
CA TYR A 71 5.81 9.25 -11.08
C TYR A 71 5.87 10.75 -11.29
N ARG A 72 5.61 11.19 -12.53
CA ARG A 72 5.31 12.58 -12.77
C ARG A 72 3.80 12.74 -12.62
N ILE A 73 3.38 13.61 -11.71
CA ILE A 73 1.95 13.77 -11.46
C ILE A 73 1.44 15.12 -11.89
N ILE A 74 0.45 15.12 -12.76
CA ILE A 74 -0.18 16.34 -13.24
C ILE A 74 -1.65 16.34 -12.88
N SER A 75 -2.08 17.35 -12.13
CA SER A 75 -3.48 17.46 -11.74
C SER A 75 -4.11 18.67 -12.43
N ILE A 76 -5.04 18.40 -13.34
N ILE A 76 -5.04 18.40 -13.34
CA ILE A 76 -5.65 19.45 -14.15
CA ILE A 76 -5.67 19.44 -14.13
C ILE A 76 -6.81 20.13 -13.42
C ILE A 76 -6.82 20.13 -13.40
N ASN A 77 -6.79 21.46 -13.40
CA ASN A 77 -7.95 22.23 -12.96
C ASN A 77 -8.85 22.51 -14.16
N TYR A 78 -9.99 21.84 -14.21
CA TYR A 78 -10.92 22.02 -15.31
C TYR A 78 -11.56 23.41 -15.22
N PRO A 79 -12.07 23.93 -16.36
CA PRO A 79 -12.61 25.30 -16.40
C PRO A 79 -13.60 25.60 -15.28
N GLY A 80 -13.46 26.77 -14.66
CA GLY A 80 -14.35 27.20 -13.59
C GLY A 80 -13.97 26.66 -12.23
N ARG A 81 -12.82 26.00 -12.14
CA ARG A 81 -12.33 25.50 -10.86
C ARG A 81 -10.96 26.04 -10.50
N SER A 82 -10.82 26.48 -9.26
CA SER A 82 -9.55 26.99 -8.72
C SER A 82 -8.97 28.12 -9.56
N ASP A 83 -7.75 27.91 -10.06
CA ASP A 83 -7.04 28.96 -10.80
C ASP A 83 -7.27 28.85 -12.30
N SER A 84 -8.23 28.03 -12.70
CA SER A 84 -8.60 27.93 -14.11
C SER A 84 -9.67 28.95 -14.45
N GLU A 85 -9.52 29.57 -15.61
CA GLU A 85 -10.44 30.61 -16.07
C GLU A 85 -11.88 30.10 -16.17
N ASN A 86 -12.83 30.96 -15.83
CA ASN A 86 -14.24 30.64 -15.97
C ASN A 86 -14.71 30.66 -17.42
N LEU A 87 -15.73 29.87 -17.71
CA LEU A 87 -16.37 29.91 -19.02
C LEU A 87 -17.54 30.88 -18.96
N LYS A 88 -17.64 31.76 -19.96
CA LYS A 88 -18.61 32.84 -19.92
C LYS A 88 -20.06 32.34 -19.96
N LYS A 89 -20.29 31.24 -20.67
CA LYS A 89 -21.62 30.65 -20.76
C LYS A 89 -21.67 29.34 -20.00
N PRO A 90 -22.60 29.22 -19.04
CA PRO A 90 -22.69 28.06 -18.16
C PRO A 90 -22.93 26.74 -18.89
N TYR A 91 -23.45 26.82 -20.12
CA TYR A 91 -23.73 25.62 -20.90
C TYR A 91 -22.46 25.09 -21.55
N HIS A 92 -21.41 25.90 -21.54
CA HIS A 92 -20.10 25.46 -22.03
C HIS A 92 -19.49 24.43 -21.09
N TYR A 93 -19.91 24.47 -19.83
CA TYR A 93 -19.49 23.48 -18.85
C TYR A 93 -20.14 22.13 -19.14
N ASN A 94 -19.48 21.33 -19.98
CA ASN A 94 -20.00 20.03 -20.35
C ASN A 94 -18.88 19.06 -20.67
N TYR A 95 -19.23 17.79 -20.87
CA TYR A 95 -18.23 16.74 -21.05
C TYR A 95 -17.53 16.83 -22.41
N THR A 96 -18.19 17.44 -23.39
CA THR A 96 -17.58 17.62 -24.70
C THR A 96 -16.40 18.58 -24.58
N THR A 97 -16.63 19.69 -23.88
CA THR A 97 -15.58 20.66 -23.61
C THR A 97 -14.44 20.04 -22.80
N TYR A 98 -14.78 19.28 -21.77
CA TYR A 98 -13.80 18.66 -20.89
C TYR A 98 -12.92 17.66 -21.63
N ILE A 99 -13.56 16.82 -22.47
CA ILE A 99 -12.84 15.83 -23.27
C ILE A 99 -11.84 16.49 -24.20
N LYS A 100 -12.31 17.47 -24.96
CA LYS A 100 -11.45 18.19 -25.91
C LYS A 100 -10.31 18.89 -25.17
N ASP A 101 -10.63 19.56 -24.07
CA ASP A 101 -9.64 20.23 -23.24
C ASP A 101 -8.56 19.26 -22.76
N THR A 102 -8.98 18.09 -22.31
CA THR A 102 -8.06 17.07 -21.81
C THR A 102 -7.13 16.57 -22.91
N LEU A 103 -7.69 16.29 -24.08
CA LEU A 103 -6.91 15.82 -25.21
C LEU A 103 -5.96 16.90 -25.73
N LEU A 104 -6.44 18.14 -25.76
CA LEU A 104 -5.60 19.28 -26.13
C LEU A 104 -4.47 19.44 -25.11
N PHE A 105 -4.80 19.24 -23.84
CA PHE A 105 -3.83 19.31 -22.76
C PHE A 105 -2.70 18.29 -22.94
N PHE A 106 -3.08 17.06 -23.29
CA PHE A 106 -2.12 15.97 -23.48
C PHE A 106 -1.06 16.31 -24.52
N LYS A 107 -1.51 16.75 -25.69
CA LYS A 107 -0.62 17.06 -26.80
C LYS A 107 0.32 18.22 -26.46
N ARG A 108 -0.21 19.20 -25.76
CA ARG A 108 0.56 20.39 -25.39
C ARG A 108 1.71 20.08 -24.45
N LEU A 109 1.46 19.22 -23.48
CA LEU A 109 2.47 18.87 -22.48
C LEU A 109 3.17 17.55 -22.81
N ASN A 110 2.89 17.02 -24.00
CA ASN A 110 3.48 15.77 -24.48
C ASN A 110 3.23 14.61 -23.51
N ILE A 111 1.96 14.40 -23.16
CA ILE A 111 1.57 13.34 -22.24
C ILE A 111 1.09 12.11 -23.00
N LYS A 112 1.77 10.99 -22.80
CA LYS A 112 1.40 9.74 -23.48
C LYS A 112 1.29 8.57 -22.51
N ASN A 113 0.26 7.75 -22.71
CA ASN A 113 0.00 6.58 -21.89
C ASN A 113 0.13 6.78 -20.38
N PRO A 114 -0.63 7.74 -19.82
CA PRO A 114 -0.50 7.94 -18.38
C PRO A 114 -1.46 7.05 -17.59
N ILE A 115 -1.33 7.07 -16.28
CA ILE A 115 -2.34 6.47 -15.41
C ILE A 115 -3.37 7.52 -15.07
N TRP A 116 -4.65 7.17 -15.22
CA TRP A 116 -5.71 8.14 -14.96
C TRP A 116 -6.34 7.88 -13.59
N LEU A 117 -6.32 8.91 -12.75
CA LEU A 117 -6.96 8.87 -11.45
C LEU A 117 -8.07 9.92 -11.41
N GLY A 118 -9.31 9.47 -11.37
CA GLY A 118 -10.44 10.38 -11.44
C GLY A 118 -11.47 10.19 -10.34
N THR A 119 -11.82 11.30 -9.68
CA THR A 119 -12.88 11.31 -8.69
C THR A 119 -14.15 11.92 -9.26
N SER A 120 -15.28 11.23 -9.07
CA SER A 120 -16.58 11.74 -9.48
C SER A 120 -16.61 12.07 -10.97
N MET A 121 -16.74 13.37 -11.27
CA MET A 121 -16.76 13.85 -12.65
C MET A 121 -15.46 13.49 -13.37
N GLY A 122 -14.34 13.59 -12.66
CA GLY A 122 -13.05 13.26 -13.21
C GLY A 122 -12.95 11.79 -13.62
N GLY A 123 -13.58 10.92 -12.83
CA GLY A 123 -13.64 9.51 -13.15
C GLY A 123 -14.45 9.25 -14.41
N ILE A 124 -15.55 9.97 -14.54
CA ILE A 124 -16.42 9.83 -15.70
C ILE A 124 -15.69 10.27 -16.97
N ILE A 125 -14.95 11.37 -16.87
CA ILE A 125 -14.15 11.86 -17.98
C ILE A 125 -13.15 10.80 -18.44
N GLY A 126 -12.48 10.17 -17.47
CA GLY A 126 -11.53 9.11 -17.76
C GLY A 126 -12.20 7.91 -18.37
N MET A 127 -13.38 7.55 -17.86
CA MET A 127 -14.17 6.44 -18.40
C MET A 127 -14.49 6.65 -19.87
N VAL A 128 -15.01 7.83 -20.21
CA VAL A 128 -15.39 8.15 -21.58
C VAL A 128 -14.17 8.14 -22.50
N LEU A 129 -13.08 8.77 -22.04
CA LEU A 129 -11.85 8.82 -22.81
C LEU A 129 -11.31 7.42 -23.10
N ALA A 130 -11.34 6.57 -22.08
CA ALA A 130 -10.82 5.20 -22.21
C ALA A 130 -11.75 4.36 -23.07
N SER A 131 -13.03 4.67 -23.05
CA SER A 131 -14.02 3.95 -23.85
C SER A 131 -13.92 4.34 -25.31
N LYS A 132 -13.50 5.58 -25.56
CA LYS A 132 -13.39 6.09 -26.92
C LYS A 132 -12.07 5.67 -27.55
N TYR A 133 -11.01 5.69 -26.76
CA TYR A 133 -9.67 5.42 -27.26
C TYR A 133 -9.02 4.34 -26.41
N LYS A 134 -8.96 3.13 -26.96
CA LYS A 134 -8.67 1.92 -26.21
C LYS A 134 -7.36 1.95 -25.41
N ASN A 135 -6.29 2.44 -26.04
CA ASN A 135 -4.98 2.38 -25.40
C ASN A 135 -4.45 3.74 -24.95
N ILE A 136 -5.36 4.63 -24.56
CA ILE A 136 -4.95 5.97 -24.13
C ILE A 136 -4.36 5.95 -22.73
N PHE A 137 -4.82 5.03 -21.89
CA PHE A 137 -4.37 4.97 -20.50
C PHE A 137 -3.58 3.70 -20.19
N LYS A 138 -2.51 3.86 -19.42
CA LYS A 138 -1.75 2.76 -18.89
C LYS A 138 -2.58 2.01 -17.85
N ALA A 139 -3.34 2.78 -17.07
CA ALA A 139 -4.25 2.23 -16.07
C ALA A 139 -5.33 3.25 -15.73
N LEU A 140 -6.45 2.77 -15.20
CA LEU A 140 -7.56 3.65 -14.84
C LEU A 140 -8.04 3.43 -13.41
N ILE A 141 -7.99 4.47 -12.59
CA ILE A 141 -8.47 4.38 -11.21
C ILE A 141 -9.70 5.25 -11.01
N LEU A 142 -10.81 4.62 -10.63
CA LEU A 142 -12.07 5.32 -10.41
C LEU A 142 -12.36 5.47 -8.92
N ASN A 143 -12.38 6.72 -8.45
CA ASN A 143 -12.64 6.99 -7.04
C ASN A 143 -14.14 7.14 -6.75
N ASP A 144 -14.76 6.03 -6.36
CA ASP A 144 -16.19 5.96 -6.05
C ASP A 144 -17.06 6.51 -7.18
N ILE A 145 -16.87 5.95 -8.37
CA ILE A 145 -17.71 6.28 -9.51
C ILE A 145 -17.71 5.07 -10.46
N GLY A 146 -18.88 4.74 -10.97
CA GLY A 146 -19.02 3.53 -11.76
C GLY A 146 -19.87 3.68 -13.00
N ALA A 147 -20.41 2.57 -13.48
CA ALA A 147 -21.15 2.54 -14.74
C ALA A 147 -22.60 2.99 -14.58
N PHE A 148 -23.02 3.21 -13.35
CA PHE A 148 -24.41 3.60 -13.09
C PHE A 148 -24.56 4.43 -11.82
N ILE A 149 -25.41 5.45 -11.89
CA ILE A 149 -25.72 6.28 -10.74
C ILE A 149 -27.22 6.47 -10.58
N ASP A 150 -27.73 6.19 -9.39
CA ASP A 150 -29.13 6.47 -9.08
C ASP A 150 -29.37 7.98 -9.06
N ALA A 151 -30.54 8.40 -9.50
CA ALA A 151 -30.86 9.82 -9.60
C ALA A 151 -31.07 10.45 -8.23
N ALA A 152 -31.68 9.69 -7.32
CA ALA A 152 -32.05 10.20 -5.99
C ALA A 152 -30.86 10.75 -5.18
N PRO A 153 -29.73 10.00 -5.11
CA PRO A 153 -28.62 10.61 -4.37
C PRO A 153 -27.92 11.72 -5.16
N LEU A 154 -28.07 11.69 -6.48
CA LEU A 154 -27.49 12.71 -7.33
C LEU A 154 -28.21 14.04 -7.18
N ILE A 155 -29.51 13.98 -6.94
CA ILE A 155 -30.31 15.17 -6.72
C ILE A 155 -29.97 15.82 -5.39
N LYS A 156 -29.77 14.98 -4.36
CA LYS A 156 -29.40 15.45 -3.03
C LYS A 156 -28.09 16.24 -3.03
N ILE A 157 -27.07 15.68 -3.68
CA ILE A 157 -25.77 16.33 -3.76
C ILE A 157 -25.84 17.66 -4.49
N GLY A 158 -26.63 17.70 -5.57
CA GLY A 158 -26.78 18.89 -6.38
C GLY A 158 -27.42 20.05 -5.63
N ASP A 159 -28.35 19.73 -4.73
CA ASP A 159 -29.09 20.75 -4.00
C ASP A 159 -28.23 21.42 -2.93
N TYR A 160 -27.27 20.66 -2.39
CA TYR A 160 -26.32 21.20 -1.44
C TYR A 160 -25.43 22.24 -2.13
N ALA A 161 -24.94 21.88 -3.31
CA ALA A 161 -24.05 22.75 -4.07
C ALA A 161 -24.82 23.90 -4.72
N LYS A 162 -26.11 23.71 -4.94
CA LYS A 162 -26.93 24.73 -5.60
C LYS A 162 -27.07 25.96 -4.74
N LYS A 163 -27.13 25.76 -3.43
CA LYS A 163 -27.21 26.88 -2.49
C LYS A 163 -25.84 27.52 -2.33
N THR A 164 -25.72 28.77 -2.78
CA THR A 164 -24.46 29.50 -2.67
C THR A 164 -24.29 30.03 -1.25
N VAL A 165 -23.08 29.89 -0.71
CA VAL A 165 -22.85 30.23 0.69
C VAL A 165 -21.64 31.15 0.86
N LEU A 166 -21.75 32.09 1.79
CA LEU A 166 -20.66 32.99 2.16
C LEU A 166 -20.14 32.60 3.55
N LEU A 167 -18.83 32.64 3.73
CA LEU A 167 -18.22 32.18 4.97
C LEU A 167 -17.36 33.26 5.62
N ASP A 168 -17.48 33.39 6.94
CA ASP A 168 -16.77 34.43 7.68
C ASP A 168 -15.26 34.23 7.68
N ASP A 169 -14.81 33.09 8.19
CA ASP A 169 -13.37 32.82 8.29
C ASP A 169 -13.05 31.37 7.91
N LEU A 170 -11.78 31.02 7.94
CA LEU A 170 -11.33 29.67 7.63
C LEU A 170 -11.94 28.64 8.57
N ALA A 171 -12.16 29.04 9.82
CA ALA A 171 -12.70 28.16 10.84
C ALA A 171 -14.14 27.75 10.50
N SER A 172 -14.94 28.72 10.08
CA SER A 172 -16.33 28.46 9.70
C SER A 172 -16.38 27.80 8.33
N ALA A 173 -15.35 28.05 7.52
CA ALA A 173 -15.23 27.43 6.21
C ALA A 173 -14.96 25.93 6.34
N LYS A 174 -14.08 25.57 7.26
CA LYS A 174 -13.74 24.18 7.50
C LYS A 174 -14.96 23.41 8.02
N GLU A 175 -15.71 24.03 8.91
CA GLU A 175 -16.90 23.40 9.49
C GLU A 175 -17.97 23.21 8.42
N HIS A 176 -17.95 24.06 7.39
CA HIS A 176 -18.84 23.90 6.25
C HIS A 176 -18.42 22.69 5.41
N LEU A 177 -17.12 22.53 5.24
CA LEU A 177 -16.57 21.41 4.49
C LEU A 177 -16.80 20.08 5.19
N LYS A 178 -16.74 20.10 6.53
CA LYS A 178 -16.97 18.89 7.32
C LYS A 178 -18.43 18.43 7.21
N LEU A 179 -19.30 19.31 6.76
CA LEU A 179 -20.72 18.98 6.63
C LEU A 179 -21.08 18.50 5.23
N ILE A 180 -20.58 19.19 4.21
CA ILE A 180 -20.89 18.83 2.82
C ILE A 180 -20.00 17.69 2.34
N TYR A 181 -18.82 17.56 2.94
CA TYR A 181 -17.91 16.47 2.60
C TYR A 181 -17.76 15.54 3.80
N ALA A 182 -18.88 15.26 4.47
CA ALA A 182 -18.88 14.42 5.67
C ALA A 182 -18.59 12.96 5.36
N GLN A 183 -18.74 12.58 4.09
CA GLN A 183 -18.58 11.19 3.69
C GLN A 183 -17.18 10.84 3.19
N ILE A 184 -16.33 11.84 3.04
CA ILE A 184 -15.01 11.61 2.43
C ILE A 184 -14.05 10.89 3.38
N GLY A 185 -14.34 10.97 4.67
CA GLY A 185 -13.65 10.15 5.64
C GLY A 185 -12.24 10.56 6.03
N ILE A 186 -11.94 11.86 5.97
CA ILE A 186 -10.65 12.36 6.42
C ILE A 186 -10.47 12.09 7.92
N LYS A 187 -9.33 11.52 8.28
CA LYS A 187 -9.08 11.13 9.66
C LYS A 187 -8.26 12.17 10.43
N ASN A 188 -7.41 12.90 9.73
CA ASN A 188 -6.56 13.89 10.37
C ASN A 188 -7.03 15.33 10.17
N GLU A 189 -6.96 16.12 11.23
CA GLU A 189 -7.36 17.53 11.18
C GLU A 189 -6.43 18.34 10.29
N GLU A 190 -5.16 17.94 10.23
CA GLU A 190 -4.18 18.60 9.38
C GLU A 190 -4.59 18.54 7.91
N ASP A 191 -5.29 17.48 7.55
CA ASP A 191 -5.75 17.28 6.18
C ASP A 191 -7.03 18.06 5.90
N TRP A 192 -7.82 18.30 6.95
CA TRP A 192 -8.99 19.16 6.84
C TRP A 192 -8.56 20.60 6.64
N ASP A 193 -7.46 20.97 7.30
CA ASP A 193 -6.90 22.32 7.16
C ASP A 193 -6.35 22.54 5.76
N TYR A 194 -5.63 21.54 5.25
CA TYR A 194 -5.04 21.63 3.92
C TYR A 194 -6.13 21.69 2.85
N LEU A 195 -7.17 20.89 3.02
CA LEU A 195 -8.30 20.87 2.10
C LEU A 195 -8.99 22.22 2.05
N THR A 196 -9.27 22.77 3.23
CA THR A 196 -9.93 24.07 3.35
C THR A 196 -9.13 25.18 2.69
N LYS A 197 -7.81 25.13 2.87
CA LYS A 197 -6.90 26.13 2.33
C LYS A 197 -7.05 26.33 0.82
N TYR A 198 -7.28 25.21 0.11
CA TYR A 198 -7.38 25.25 -1.35
C TYR A 198 -8.80 25.05 -1.85
N SER A 199 -9.77 25.00 -0.95
CA SER A 199 -11.15 24.81 -1.33
C SER A 199 -11.91 26.15 -1.36
N VAL A 200 -11.51 27.07 -0.49
CA VAL A 200 -12.15 28.37 -0.43
C VAL A 200 -11.16 29.50 -0.73
N ILE A 201 -11.69 30.67 -1.06
CA ILE A 201 -10.87 31.83 -1.36
C ILE A 201 -11.52 33.10 -0.83
N SER A 202 -10.70 34.05 -0.38
CA SER A 202 -11.22 35.30 0.17
C SER A 202 -11.76 36.20 -0.93
N THR A 203 -12.86 36.90 -0.63
CA THR A 203 -13.44 37.86 -1.55
C THR A 203 -13.44 39.26 -0.94
N PHE A 204 -13.73 40.26 -1.76
CA PHE A 204 -13.84 41.63 -1.27
C PHE A 204 -15.01 41.72 -0.30
N GLY A 205 -14.72 42.14 0.93
CA GLY A 205 -15.72 42.21 1.98
C GLY A 205 -15.48 41.29 3.18
N GLY A 206 -14.47 40.44 3.08
CA GLY A 206 -14.09 39.55 4.16
C GLY A 206 -14.78 38.22 4.29
N LYS A 207 -15.51 37.81 3.28
CA LYS A 207 -16.15 36.51 3.34
C LYS A 207 -15.34 35.54 2.52
N TYR A 208 -15.68 34.27 2.63
CA TYR A 208 -15.01 33.21 1.89
C TYR A 208 -16.05 32.50 1.07
N LYS A 209 -15.69 32.15 -0.16
CA LYS A 209 -16.58 31.39 -1.01
C LYS A 209 -15.81 30.19 -1.54
N MET A 210 -16.54 29.19 -2.01
CA MET A 210 -15.91 28.01 -2.59
C MET A 210 -15.18 28.42 -3.86
N ASN A 211 -13.94 27.93 -4.01
CA ASN A 211 -13.09 28.38 -5.11
C ASN A 211 -13.47 27.70 -6.43
N TYR A 212 -14.71 27.90 -6.87
CA TYR A 212 -15.14 27.44 -8.17
C TYR A 212 -16.30 28.29 -8.69
N ASP A 213 -16.44 28.36 -10.00
CA ASP A 213 -17.54 29.08 -10.65
C ASP A 213 -18.87 28.40 -10.32
N PRO A 214 -19.77 29.12 -9.63
CA PRO A 214 -21.09 28.60 -9.27
C PRO A 214 -21.97 28.27 -10.48
N ALA A 215 -21.57 28.75 -11.65
CA ALA A 215 -22.29 28.49 -12.89
C ALA A 215 -22.18 27.03 -13.31
N ILE A 216 -21.24 26.31 -12.69
CA ILE A 216 -21.04 24.88 -12.96
C ILE A 216 -22.29 24.09 -12.57
N THR A 217 -22.98 24.53 -11.51
CA THR A 217 -24.18 23.86 -11.04
C THR A 217 -25.33 24.01 -12.03
N LYS A 218 -25.17 24.94 -12.98
CA LYS A 218 -26.17 25.16 -14.02
C LYS A 218 -25.77 24.48 -15.32
N GLN A 226 -31.46 14.84 -12.70
CA GLN A 226 -32.88 14.64 -12.96
C GLN A 226 -33.21 13.17 -13.13
N GLU A 227 -32.74 12.58 -14.22
CA GLU A 227 -32.98 11.17 -14.50
C GLU A 227 -31.77 10.34 -14.07
N ASP A 228 -31.91 9.02 -14.09
CA ASP A 228 -30.79 8.14 -13.76
C ASP A 228 -29.65 8.33 -14.74
N VAL A 229 -28.45 7.92 -14.33
CA VAL A 229 -27.27 8.03 -15.18
C VAL A 229 -26.72 6.66 -15.57
N LYS A 230 -26.71 6.39 -16.87
CA LYS A 230 -26.24 5.11 -17.37
C LYS A 230 -24.97 5.28 -18.21
N LEU A 231 -23.91 4.60 -17.80
CA LEU A 231 -22.63 4.67 -18.49
C LEU A 231 -22.15 3.28 -18.90
N TRP A 232 -23.10 2.36 -19.07
CA TRP A 232 -22.77 0.98 -19.38
C TRP A 232 -22.08 0.82 -20.72
N SER A 233 -22.55 1.53 -21.75
CA SER A 233 -21.95 1.46 -23.07
C SER A 233 -20.51 1.95 -23.03
N VAL A 234 -20.24 2.87 -22.13
CA VAL A 234 -18.90 3.42 -21.94
C VAL A 234 -18.03 2.44 -21.16
N TRP A 235 -18.58 1.93 -20.06
CA TRP A 235 -17.86 1.00 -19.18
C TRP A 235 -17.43 -0.27 -19.90
N ASN A 236 -18.27 -0.77 -20.81
CA ASN A 236 -17.99 -2.02 -21.51
C ASN A 236 -16.85 -1.91 -22.51
N LYS A 237 -16.58 -0.69 -22.99
CA LYS A 237 -15.59 -0.49 -24.03
C LYS A 237 -14.18 -0.22 -23.48
N ILE A 238 -14.08 0.01 -22.18
CA ILE A 238 -12.79 0.26 -21.54
C ILE A 238 -11.92 -1.00 -21.61
N LYS A 239 -10.69 -0.85 -22.09
CA LYS A 239 -9.83 -2.00 -22.35
C LYS A 239 -8.48 -1.92 -21.66
N CYS A 240 -8.39 -1.19 -20.55
CA CYS A 240 -7.14 -1.07 -19.82
C CYS A 240 -7.30 -1.59 -18.39
N ARG A 241 -6.22 -1.49 -17.62
CA ARG A 241 -6.23 -1.95 -16.22
C ARG A 241 -7.05 -1.00 -15.36
N ILE A 242 -8.00 -1.54 -14.61
CA ILE A 242 -8.92 -0.73 -13.83
C ILE A 242 -8.86 -1.01 -12.33
N LEU A 243 -8.81 0.06 -11.55
CA LEU A 243 -9.00 -0.04 -10.11
C LEU A 243 -10.21 0.79 -9.68
N VAL A 244 -11.17 0.13 -9.06
CA VAL A 244 -12.34 0.82 -8.54
C VAL A 244 -12.28 0.96 -7.02
N ILE A 245 -12.14 2.20 -6.56
CA ILE A 245 -12.18 2.49 -5.14
C ILE A 245 -13.62 2.74 -4.71
N HIS A 246 -14.08 2.04 -3.68
CA HIS A 246 -15.48 2.13 -3.29
C HIS A 246 -15.67 2.45 -1.82
N GLY A 247 -16.33 3.57 -1.54
CA GLY A 247 -16.74 3.89 -0.18
C GLY A 247 -17.96 3.07 0.16
N MET A 248 -17.93 2.38 1.30
CA MET A 248 -18.98 1.43 1.63
C MET A 248 -20.32 2.07 1.97
N LYS A 249 -20.29 3.32 2.44
CA LYS A 249 -21.53 4.03 2.74
C LYS A 249 -21.93 4.95 1.60
N SER A 250 -21.39 4.71 0.41
CA SER A 250 -21.66 5.57 -0.74
C SER A 250 -23.00 5.22 -1.38
N GLN A 251 -23.71 6.25 -1.83
CA GLN A 251 -24.98 6.07 -2.53
C GLN A 251 -24.82 6.34 -4.01
N ILE A 252 -23.68 6.92 -4.38
CA ILE A 252 -23.36 7.20 -5.77
C ILE A 252 -22.83 5.95 -6.46
N LEU A 253 -22.07 5.16 -5.73
CA LEU A 253 -21.61 3.86 -6.22
C LEU A 253 -22.01 2.75 -5.26
N THR A 254 -22.87 1.85 -5.73
CA THR A 254 -23.44 0.83 -4.87
C THR A 254 -22.89 -0.56 -5.19
N LYS A 255 -23.13 -1.50 -4.28
CA LYS A 255 -22.65 -2.87 -4.44
C LYS A 255 -23.30 -3.55 -5.64
N SER A 256 -24.57 -3.24 -5.88
CA SER A 256 -25.30 -3.82 -7.00
C SER A 256 -24.72 -3.35 -8.33
N THR A 257 -24.37 -2.07 -8.40
CA THR A 257 -23.75 -1.51 -9.59
C THR A 257 -22.41 -2.19 -9.86
N ILE A 258 -21.65 -2.40 -8.79
CA ILE A 258 -20.35 -3.05 -8.87
C ILE A 258 -20.48 -4.49 -9.35
N GLN A 259 -21.47 -5.20 -8.83
CA GLN A 259 -21.71 -6.58 -9.20
C GLN A 259 -22.07 -6.71 -10.68
N LYS A 260 -22.87 -5.77 -11.17
CA LYS A 260 -23.25 -5.74 -12.58
C LYS A 260 -22.06 -5.36 -13.47
N MET A 261 -21.20 -4.51 -12.94
CA MET A 261 -20.02 -4.05 -13.68
C MET A 261 -19.05 -5.19 -13.96
N LYS A 262 -18.97 -6.13 -13.03
CA LYS A 262 -18.06 -7.26 -13.15
C LYS A 262 -18.45 -8.22 -14.26
N LYS A 263 -19.73 -8.19 -14.63
CA LYS A 263 -20.25 -9.10 -15.65
C LYS A 263 -19.85 -8.66 -17.06
N THR A 264 -19.49 -7.39 -17.21
CA THR A 264 -19.18 -6.85 -18.52
C THR A 264 -17.72 -6.42 -18.64
N ASN A 265 -17.04 -6.27 -17.51
CA ASN A 265 -15.64 -5.88 -17.50
C ASN A 265 -14.92 -6.36 -16.24
N THR A 266 -13.59 -6.43 -16.30
CA THR A 266 -12.79 -6.91 -15.18
C THR A 266 -12.02 -5.77 -14.51
N PHE A 267 -11.96 -5.81 -13.19
CA PHE A 267 -11.31 -4.75 -12.41
C PHE A 267 -11.01 -5.19 -10.99
N ASP A 268 -10.01 -4.56 -10.38
CA ASP A 268 -9.73 -4.75 -8.97
C ASP A 268 -10.61 -3.82 -8.15
N LEU A 269 -10.94 -4.23 -6.93
CA LEU A 269 -11.84 -3.46 -6.09
C LEU A 269 -11.21 -3.11 -4.74
N TYR A 270 -11.11 -1.82 -4.46
CA TYR A 270 -10.61 -1.33 -3.19
C TYR A 270 -11.76 -0.77 -2.37
N GLU A 271 -12.16 -1.50 -1.33
CA GLU A 271 -13.29 -1.10 -0.50
C GLU A 271 -12.85 -0.39 0.76
N ILE A 272 -13.47 0.77 1.03
CA ILE A 272 -13.14 1.57 2.19
C ILE A 272 -14.37 1.72 3.09
N LYS A 273 -14.30 1.12 4.28
CA LYS A 273 -15.43 1.02 5.19
C LYS A 273 -15.90 2.36 5.75
N TYR A 274 -14.95 3.25 6.08
CA TYR A 274 -15.27 4.46 6.82
C TYR A 274 -15.70 5.64 5.95
N ALA A 275 -15.68 5.44 4.63
CA ALA A 275 -15.92 6.55 3.72
C ALA A 275 -17.13 6.32 2.81
N GLY A 276 -17.74 7.41 2.37
CA GLY A 276 -18.82 7.35 1.41
C GLY A 276 -18.36 7.88 0.05
N HIS A 277 -19.12 8.81 -0.51
CA HIS A 277 -18.75 9.44 -1.77
C HIS A 277 -18.18 10.84 -1.54
N ALA A 278 -16.91 11.04 -1.82
CA ALA A 278 -15.99 9.96 -2.23
C ALA A 278 -14.75 10.01 -1.34
N PRO A 279 -13.99 8.90 -1.27
CA PRO A 279 -12.78 8.90 -0.45
C PRO A 279 -11.83 10.05 -0.79
N SER A 280 -11.27 10.66 0.24
CA SER A 280 -10.47 11.88 0.10
C SER A 280 -9.11 11.64 -0.57
N LEU A 281 -8.61 10.41 -0.44
CA LEU A 281 -7.26 10.06 -0.86
C LEU A 281 -6.23 10.92 -0.12
N MET A 282 -6.56 11.26 1.13
CA MET A 282 -5.68 12.05 1.96
C MET A 282 -5.21 11.24 3.17
N ASN A 283 -5.85 10.09 3.38
CA ASN A 283 -5.41 9.15 4.41
C ASN A 283 -4.28 8.28 3.89
N ASP A 284 -3.19 8.20 4.65
CA ASP A 284 -2.04 7.37 4.28
C ASP A 284 -2.46 5.94 3.96
N GLU A 285 -3.41 5.45 4.75
CA GLU A 285 -4.10 4.18 4.48
C GLU A 285 -4.48 4.03 3.01
N GLU A 286 -5.20 5.02 2.48
CA GLU A 286 -5.67 4.99 1.10
C GLU A 286 -4.52 5.23 0.12
N ILE A 287 -3.66 6.19 0.45
CA ILE A 287 -2.51 6.54 -0.38
C ILE A 287 -1.58 5.34 -0.61
N TYR A 288 -1.24 4.64 0.47
CA TYR A 288 -0.30 3.53 0.39
C TYR A 288 -0.86 2.33 -0.38
N TYR A 289 -2.17 2.12 -0.30
CA TYR A 289 -2.78 1.02 -1.04
C TYR A 289 -2.69 1.28 -2.54
N ILE A 290 -3.01 2.50 -2.95
CA ILE A 290 -2.94 2.88 -4.36
C ILE A 290 -1.52 2.74 -4.89
N GLU A 291 -0.56 3.20 -4.09
CA GLU A 291 0.85 3.09 -4.45
C GLU A 291 1.24 1.62 -4.57
N SER A 292 0.63 0.77 -3.74
CA SER A 292 0.88 -0.65 -3.81
C SER A 292 0.28 -1.28 -5.06
N TRP A 293 -0.96 -0.90 -5.35
CA TRP A 293 -1.66 -1.42 -6.53
C TRP A 293 -0.93 -1.07 -7.82
N LEU A 294 -0.35 0.12 -7.85
CA LEU A 294 0.41 0.59 -9.01
C LEU A 294 1.71 -0.19 -9.20
N LYS A 295 2.23 -0.75 -8.11
CA LYS A 295 3.50 -1.47 -8.16
C LYS A 295 3.35 -2.93 -8.61
N GLN A 296 2.11 -3.41 -8.66
CA GLN A 296 1.85 -4.77 -9.11
C GLN A 296 2.29 -4.93 -10.56
N LYS A 297 1.77 -4.06 -11.43
CA LYS A 297 2.27 -3.96 -12.79
C LYS A 297 3.35 -2.88 -12.83
N SER A 298 4.12 -2.84 -13.90
CA SER A 298 5.16 -1.82 -14.04
C SER A 298 5.58 -1.65 -15.49
N HIS B 8 21.66 5.17 8.71
CA HIS B 8 20.38 4.96 9.36
C HIS B 8 20.27 3.55 9.94
N MET B 9 21.01 2.62 9.34
CA MET B 9 21.02 1.24 9.80
C MET B 9 21.97 1.03 10.96
N GLN B 10 21.43 0.70 12.13
CA GLN B 10 22.25 0.45 13.30
C GLN B 10 22.45 -1.06 13.51
N ILE B 11 23.69 -1.45 13.79
CA ILE B 11 23.99 -2.83 14.11
C ILE B 11 24.47 -2.94 15.55
N ASN B 12 23.58 -3.37 16.43
CA ASN B 12 23.90 -3.52 17.84
C ASN B 12 23.84 -4.99 18.25
N SER B 13 24.16 -5.26 19.52
CA SER B 13 24.13 -6.62 20.02
C SER B 13 24.06 -6.65 21.54
N ILE B 14 23.39 -7.66 22.08
CA ILE B 14 23.36 -7.88 23.52
C ILE B 14 23.67 -9.33 23.85
N LYS B 15 24.20 -9.56 25.05
CA LYS B 15 24.44 -10.91 25.53
C LYS B 15 23.34 -11.29 26.51
N ILE B 16 22.76 -12.46 26.32
CA ILE B 16 21.73 -12.94 27.23
C ILE B 16 22.05 -14.35 27.72
N GLY B 17 21.54 -14.69 28.89
CA GLY B 17 21.86 -15.95 29.52
C GLY B 17 22.94 -15.76 30.59
N PRO B 18 23.36 -16.86 31.22
CA PRO B 18 22.88 -18.22 30.95
C PRO B 18 21.52 -18.51 31.59
N TYR B 19 20.84 -19.54 31.10
CA TYR B 19 19.62 -20.02 31.72
C TYR B 19 19.43 -21.51 31.43
N ILE B 20 18.40 -22.10 32.01
CA ILE B 20 18.18 -23.55 31.87
C ILE B 20 16.81 -23.90 31.31
N ASN B 21 16.83 -24.74 30.27
CA ASN B 21 15.62 -25.35 29.74
C ASN B 21 15.38 -26.65 30.50
N LEU B 22 14.15 -26.87 30.96
CA LEU B 22 13.83 -28.08 31.71
C LEU B 22 13.30 -29.21 30.84
N LEU B 23 12.57 -28.87 29.79
CA LEU B 23 11.95 -29.87 28.92
C LEU B 23 12.42 -29.73 27.48
N PRO B 24 13.51 -30.41 27.10
CA PRO B 24 14.36 -31.26 27.94
C PRO B 24 15.47 -30.47 28.63
N LEU B 25 16.22 -31.10 29.52
CA LEU B 25 17.28 -30.41 30.24
C LEU B 25 18.38 -29.94 29.30
N GLN B 26 18.57 -28.63 29.26
CA GLN B 26 19.64 -28.03 28.48
C GLN B 26 20.26 -26.89 29.27
N TYR B 27 21.57 -26.73 29.16
CA TYR B 27 22.22 -25.57 29.75
C TYR B 27 22.56 -24.60 28.64
N ILE B 28 21.85 -23.47 28.62
CA ILE B 28 22.06 -22.47 27.58
C ILE B 28 23.05 -21.43 28.07
N PRO B 29 24.23 -21.38 27.43
CA PRO B 29 25.30 -20.47 27.81
C PRO B 29 24.98 -19.03 27.44
N GLN B 30 25.73 -18.08 28.00
CA GLN B 30 25.62 -16.70 27.57
C GLN B 30 26.00 -16.60 26.09
N HIS B 31 25.08 -16.09 25.27
CA HIS B 31 25.32 -15.98 23.85
C HIS B 31 24.95 -14.60 23.33
N LYS B 32 25.64 -14.17 22.29
CA LYS B 32 25.47 -12.83 21.74
C LYS B 32 24.36 -12.77 20.71
N ILE B 33 23.36 -11.92 20.98
CA ILE B 33 22.27 -11.70 20.04
C ILE B 33 22.45 -10.36 19.33
N SER B 34 22.81 -10.41 18.05
CA SER B 34 22.93 -9.20 17.25
C SER B 34 21.56 -8.86 16.65
N TYR B 35 21.32 -7.57 16.43
CA TYR B 35 20.07 -7.15 15.83
C TYR B 35 20.24 -5.89 15.00
N VAL B 36 19.34 -5.70 14.03
CA VAL B 36 19.37 -4.53 13.16
C VAL B 36 18.23 -3.59 13.50
N GLU B 37 18.54 -2.32 13.75
CA GLU B 37 17.53 -1.37 14.18
C GLU B 37 17.41 -0.18 13.23
N PHE B 38 16.17 0.23 12.97
CA PHE B 38 15.89 1.41 12.16
C PHE B 38 14.94 2.35 12.90
N GLY B 39 15.07 3.65 12.65
CA GLY B 39 14.13 4.63 13.16
C GLY B 39 14.50 5.24 14.49
N ASP B 40 13.54 5.90 15.11
CA ASP B 40 13.75 6.59 16.38
C ASP B 40 13.71 5.62 17.55
N PRO B 41 14.80 5.54 18.32
CA PRO B 41 14.90 4.66 19.49
C PRO B 41 13.83 4.98 20.55
N LYS B 42 13.37 6.22 20.59
CA LYS B 42 12.40 6.65 21.59
C LYS B 42 10.97 6.47 21.12
N ASN B 43 10.80 6.01 19.88
CA ASN B 43 9.48 5.77 19.32
C ASN B 43 8.77 4.65 20.05
N LYS B 44 7.54 4.92 20.49
CA LYS B 44 6.75 3.93 21.22
C LYS B 44 6.07 2.97 20.25
N ASN B 45 6.08 3.33 18.96
CA ASN B 45 5.56 2.46 17.92
C ASN B 45 6.66 1.55 17.39
N ILE B 46 6.60 0.28 17.76
CA ILE B 46 7.68 -0.65 17.47
C ILE B 46 7.22 -1.81 16.59
N ILE B 47 8.00 -2.09 15.56
CA ILE B 47 7.82 -3.31 14.77
C ILE B 47 9.01 -4.23 14.98
N LEU B 48 8.74 -5.46 15.40
CA LEU B 48 9.82 -6.43 15.54
C LEU B 48 9.71 -7.48 14.44
N CYS B 49 10.79 -7.66 13.70
CA CYS B 49 10.82 -8.59 12.58
C CYS B 49 11.64 -9.84 12.92
N ALA B 50 11.09 -11.01 12.62
CA ALA B 50 11.76 -12.27 12.89
C ALA B 50 11.90 -13.09 11.61
N HIS B 51 13.15 -13.34 11.24
CA HIS B 51 13.48 -13.96 9.96
C HIS B 51 13.08 -15.44 9.89
N GLY B 52 13.29 -16.03 8.72
CA GLY B 52 13.03 -17.44 8.51
C GLY B 52 14.10 -18.34 9.12
N LEU B 53 14.00 -19.64 8.86
CA LEU B 53 14.89 -20.64 9.45
C LEU B 53 16.36 -20.35 9.21
N THR B 54 16.76 -20.29 7.96
CA THR B 54 18.16 -20.08 7.60
C THR B 54 18.44 -18.63 7.22
N ARG B 55 17.46 -17.77 7.42
CA ARG B 55 17.58 -16.36 7.03
C ARG B 55 18.16 -15.52 8.16
N ASN B 56 18.18 -14.20 7.95
CA ASN B 56 18.68 -13.27 8.96
C ASN B 56 17.91 -11.95 8.97
N ALA B 57 18.35 -11.04 9.83
CA ALA B 57 17.63 -9.79 10.08
C ALA B 57 17.60 -8.85 8.88
N HIS B 58 18.60 -8.96 8.01
CA HIS B 58 18.71 -8.04 6.87
C HIS B 58 17.67 -8.33 5.78
N ASP B 59 16.87 -9.37 5.98
CA ASP B 59 15.77 -9.67 5.07
C ASP B 59 14.68 -8.61 5.17
N PHE B 60 14.72 -7.84 6.26
CA PHE B 60 13.70 -6.84 6.53
C PHE B 60 14.24 -5.42 6.38
N ASP B 61 15.44 -5.29 5.81
CA ASP B 61 16.08 -3.98 5.69
C ASP B 61 15.29 -3.02 4.81
N LYS B 62 14.81 -3.50 3.66
CA LYS B 62 14.12 -2.63 2.72
C LYS B 62 12.78 -2.15 3.27
N ILE B 63 12.01 -3.05 3.86
CA ILE B 63 10.72 -2.67 4.43
C ILE B 63 10.92 -1.78 5.66
N ALA B 64 12.04 -1.95 6.36
CA ALA B 64 12.32 -1.15 7.54
C ALA B 64 12.71 0.27 7.17
N LYS B 65 13.46 0.42 6.09
CA LYS B 65 13.88 1.75 5.62
C LYS B 65 12.68 2.59 5.19
N GLU B 66 11.60 1.93 4.79
CA GLU B 66 10.38 2.60 4.39
C GLU B 66 9.50 2.95 5.60
N LEU B 67 9.52 2.07 6.60
CA LEU B 67 8.62 2.21 7.75
C LEU B 67 9.24 2.99 8.91
N CYS B 68 10.55 3.19 8.88
CA CYS B 68 11.26 3.79 10.01
C CYS B 68 10.84 5.25 10.28
N LYS B 69 10.11 5.85 9.35
CA LYS B 69 9.60 7.20 9.55
C LYS B 69 8.47 7.22 10.57
N ASN B 70 7.68 6.15 10.60
CA ASN B 70 6.55 6.05 11.52
C ASN B 70 6.78 5.06 12.65
N TYR B 71 7.72 4.14 12.44
CA TYR B 71 7.97 3.08 13.40
C TYR B 71 9.43 2.94 13.79
N ARG B 72 9.66 2.43 14.99
CA ARG B 72 10.97 1.92 15.37
C ARG B 72 10.99 0.44 15.00
N ILE B 73 11.95 0.05 14.17
CA ILE B 73 12.00 -1.33 13.70
C ILE B 73 13.22 -2.07 14.21
N ILE B 74 12.98 -3.18 14.89
CA ILE B 74 14.05 -4.00 15.42
C ILE B 74 13.98 -5.40 14.82
N SER B 75 15.06 -5.82 14.16
CA SER B 75 15.11 -7.14 13.55
C SER B 75 16.15 -8.02 14.25
N ILE B 76 15.68 -9.07 14.90
CA ILE B 76 16.55 -9.94 15.70
C ILE B 76 17.25 -11.00 14.85
N ASN B 77 18.56 -11.12 15.03
CA ASN B 77 19.30 -12.26 14.51
C ASN B 77 19.32 -13.36 15.55
N TYR B 78 18.57 -14.43 15.30
CA TYR B 78 18.52 -15.56 16.23
C TYR B 78 19.85 -16.30 16.19
N PRO B 79 20.17 -17.05 17.27
CA PRO B 79 21.46 -17.74 17.38
C PRO B 79 21.83 -18.56 16.15
N GLY B 80 23.08 -18.44 15.71
CA GLY B 80 23.59 -19.19 14.58
C GLY B 80 23.26 -18.56 13.23
N ARG B 81 22.69 -17.37 13.25
CA ARG B 81 22.38 -16.66 12.01
C ARG B 81 23.08 -15.32 11.94
N SER B 82 23.70 -15.03 10.81
CA SER B 82 24.37 -13.75 10.56
C SER B 82 25.40 -13.44 11.62
N ASP B 83 25.23 -12.31 12.30
CA ASP B 83 26.19 -11.83 13.28
C ASP B 83 25.87 -12.29 14.70
N SER B 84 24.95 -13.23 14.83
CA SER B 84 24.61 -13.79 16.13
C SER B 84 25.51 -15.00 16.44
N GLU B 85 25.96 -15.08 17.69
CA GLU B 85 26.84 -16.15 18.12
C GLU B 85 26.21 -17.53 17.92
N ASN B 86 27.05 -18.49 17.55
CA ASN B 86 26.59 -19.87 17.41
C ASN B 86 26.39 -20.53 18.77
N LEU B 87 25.49 -21.50 18.83
CA LEU B 87 25.31 -22.29 20.03
C LEU B 87 26.18 -23.55 19.94
N LYS B 88 26.90 -23.86 21.01
CA LYS B 88 27.90 -24.92 20.99
C LYS B 88 27.26 -26.29 20.74
N LYS B 89 26.06 -26.49 21.25
CA LYS B 89 25.34 -27.74 21.05
C LYS B 89 24.16 -27.52 20.11
N PRO B 90 24.13 -28.27 19.00
CA PRO B 90 23.13 -28.09 17.94
C PRO B 90 21.69 -28.32 18.41
N TYR B 91 21.52 -29.04 19.52
CA TYR B 91 20.19 -29.32 20.04
C TYR B 91 19.63 -28.14 20.82
N HIS B 92 20.49 -27.18 21.12
CA HIS B 92 20.07 -25.93 21.76
C HIS B 92 19.24 -25.08 20.81
N TYR B 93 19.45 -25.28 19.50
CA TYR B 93 18.65 -24.60 18.50
C TYR B 93 17.23 -25.13 18.50
N ASN B 94 16.38 -24.54 19.33
CA ASN B 94 14.98 -24.95 19.44
C ASN B 94 14.09 -23.78 19.81
N TYR B 95 12.78 -24.01 19.77
CA TYR B 95 11.82 -22.92 19.98
C TYR B 95 11.76 -22.45 21.43
N THR B 96 12.15 -23.32 22.37
CA THR B 96 12.18 -22.93 23.77
C THR B 96 13.27 -21.88 23.98
N THR B 97 14.44 -22.13 23.39
CA THR B 97 15.55 -21.18 23.44
C THR B 97 15.15 -19.86 22.76
N TYR B 98 14.51 -19.97 21.60
CA TYR B 98 14.11 -18.80 20.83
C TYR B 98 13.09 -17.94 21.56
N ILE B 99 12.10 -18.58 22.18
CA ILE B 99 11.07 -17.88 22.95
C ILE B 99 11.68 -17.11 24.11
N LYS B 100 12.49 -17.79 24.92
CA LYS B 100 13.13 -17.17 26.07
C LYS B 100 14.02 -16.02 25.63
N ASP B 101 14.83 -16.26 24.60
CA ASP B 101 15.69 -15.23 24.04
C ASP B 101 14.90 -14.00 23.62
N THR B 102 13.77 -14.23 22.95
CA THR B 102 12.92 -13.13 22.50
C THR B 102 12.36 -12.33 23.67
N LEU B 103 11.87 -13.04 24.67
CA LEU B 103 11.30 -12.38 25.85
C LEU B 103 12.39 -11.66 26.66
N LEU B 104 13.56 -12.28 26.75
CA LEU B 104 14.71 -11.62 27.39
C LEU B 104 15.11 -10.38 26.60
N PHE B 105 15.05 -10.50 25.28
CA PHE B 105 15.36 -9.39 24.39
C PHE B 105 14.41 -8.22 24.63
N PHE B 106 13.12 -8.53 24.78
CA PHE B 106 12.08 -7.52 25.02
C PHE B 106 12.39 -6.67 26.25
N LYS B 107 12.66 -7.34 27.37
CA LYS B 107 12.95 -6.66 28.63
C LYS B 107 14.23 -5.83 28.56
N ARG B 108 15.23 -6.37 27.88
CA ARG B 108 16.53 -5.72 27.76
C ARG B 108 16.43 -4.41 27.00
N LEU B 109 15.64 -4.40 25.93
CA LEU B 109 15.50 -3.22 25.09
C LEU B 109 14.22 -2.46 25.43
N ASN B 110 13.53 -2.89 26.47
CA ASN B 110 12.29 -2.28 26.92
C ASN B 110 11.25 -2.23 25.80
N ILE B 111 10.99 -3.39 25.20
CA ILE B 111 10.03 -3.48 24.10
C ILE B 111 8.67 -3.92 24.62
N LYS B 112 7.68 -3.06 24.43
CA LYS B 112 6.32 -3.36 24.89
C LYS B 112 5.29 -3.11 23.80
N ASN B 113 4.32 -4.01 23.71
CA ASN B 113 3.23 -3.93 22.73
C ASN B 113 3.68 -3.61 21.29
N PRO B 114 4.61 -4.41 20.73
CA PRO B 114 5.04 -4.11 19.36
C PRO B 114 4.20 -4.82 18.31
N ILE B 115 4.42 -4.50 17.05
CA ILE B 115 3.88 -5.28 15.95
C ILE B 115 4.88 -6.36 15.58
N TRP B 116 4.41 -7.60 15.45
CA TRP B 116 5.30 -8.72 15.12
C TRP B 116 5.18 -9.10 13.65
N LEU B 117 6.31 -9.06 12.95
CA LEU B 117 6.37 -9.51 11.56
C LEU B 117 7.32 -10.70 11.48
N GLY B 118 6.76 -11.87 11.18
CA GLY B 118 7.57 -13.08 11.17
C GLY B 118 7.43 -13.92 9.91
N THR B 119 8.57 -14.28 9.35
CA THR B 119 8.62 -15.16 8.19
C THR B 119 9.02 -16.57 8.62
N SER B 120 8.28 -17.57 8.16
CA SER B 120 8.61 -18.97 8.41
C SER B 120 8.74 -19.27 9.90
N MET B 121 9.95 -19.61 10.32
CA MET B 121 10.24 -19.89 11.73
C MET B 121 9.91 -18.68 12.60
N GLY B 122 10.23 -17.49 12.10
CA GLY B 122 9.93 -16.26 12.80
C GLY B 122 8.45 -16.08 13.04
N GLY B 123 7.64 -16.49 12.06
CA GLY B 123 6.20 -16.46 12.20
C GLY B 123 5.70 -17.40 13.28
N ILE B 124 6.30 -18.58 13.34
CA ILE B 124 5.91 -19.59 14.32
C ILE B 124 6.20 -19.11 15.74
N ILE B 125 7.37 -18.48 15.91
CA ILE B 125 7.74 -17.92 17.22
C ILE B 125 6.71 -16.90 17.68
N GLY B 126 6.30 -16.01 16.76
CA GLY B 126 5.30 -15.01 17.05
C GLY B 126 3.96 -15.64 17.40
N MET B 127 3.58 -16.67 16.65
CA MET B 127 2.35 -17.40 16.91
C MET B 127 2.32 -17.99 18.31
N VAL B 128 3.40 -18.68 18.68
CA VAL B 128 3.48 -19.31 19.99
C VAL B 128 3.45 -18.26 21.10
N LEU B 129 4.20 -17.18 20.90
CA LEU B 129 4.24 -16.08 21.86
C LEU B 129 2.87 -15.45 22.09
N ALA B 130 2.13 -15.24 21.00
CA ALA B 130 0.83 -14.61 21.08
C ALA B 130 -0.19 -15.50 21.76
N SER B 131 -0.02 -16.81 21.62
CA SER B 131 -0.90 -17.78 22.26
C SER B 131 -0.62 -17.89 23.76
N LYS B 132 0.62 -17.66 24.15
CA LYS B 132 1.05 -17.76 25.54
C LYS B 132 0.80 -16.45 26.31
N TYR B 133 1.02 -15.33 25.64
CA TYR B 133 0.87 -14.00 26.24
C TYR B 133 -0.10 -13.23 25.34
N LYS B 134 -1.34 -13.14 25.79
CA LYS B 134 -2.46 -12.71 24.96
C LYS B 134 -2.29 -11.35 24.29
N ASN B 135 -1.81 -10.37 25.05
CA ASN B 135 -1.72 -9.00 24.56
C ASN B 135 -0.29 -8.53 24.31
N ILE B 136 0.58 -9.45 23.91
CA ILE B 136 1.99 -9.11 23.70
C ILE B 136 2.19 -8.29 22.43
N PHE B 137 1.33 -8.50 21.43
CA PHE B 137 1.50 -7.82 20.16
C PHE B 137 0.35 -6.87 19.87
N LYS B 138 0.71 -5.70 19.33
CA LYS B 138 -0.28 -4.77 18.84
C LYS B 138 -0.95 -5.39 17.62
N ALA B 139 -0.15 -6.09 16.83
CA ALA B 139 -0.61 -6.81 15.66
C ALA B 139 0.36 -7.92 15.32
N LEU B 140 -0.11 -8.93 14.59
CA LEU B 140 0.73 -10.05 14.21
C LEU B 140 0.65 -10.29 12.70
N ILE B 141 1.80 -10.22 12.04
CA ILE B 141 1.86 -10.47 10.60
C ILE B 141 2.64 -11.74 10.30
N LEU B 142 1.98 -12.70 9.66
CA LEU B 142 2.59 -13.97 9.32
C LEU B 142 2.93 -14.03 7.84
N ASN B 143 4.21 -14.12 7.52
CA ASN B 143 4.65 -14.16 6.14
C ASN B 143 4.70 -15.58 5.60
N ASP B 144 3.60 -16.00 4.97
CA ASP B 144 3.43 -17.33 4.39
C ASP B 144 3.74 -18.44 5.39
N ILE B 145 3.07 -18.39 6.53
CA ILE B 145 3.17 -19.45 7.53
C ILE B 145 1.86 -19.47 8.31
N GLY B 146 1.35 -20.67 8.56
CA GLY B 146 0.04 -20.79 9.17
C GLY B 146 -0.08 -21.86 10.25
N ALA B 147 -1.31 -22.32 10.47
CA ALA B 147 -1.60 -23.26 11.53
C ALA B 147 -1.30 -24.71 11.15
N PHE B 148 -0.93 -24.93 9.89
CA PHE B 148 -0.67 -26.27 9.41
C PHE B 148 0.35 -26.26 8.27
N ILE B 149 1.25 -27.24 8.30
CA ILE B 149 2.24 -27.41 7.24
C ILE B 149 2.29 -28.86 6.80
N ASP B 150 2.18 -29.10 5.51
CA ASP B 150 2.37 -30.44 4.96
C ASP B 150 3.83 -30.86 5.15
N ALA B 151 4.05 -32.13 5.44
CA ALA B 151 5.40 -32.63 5.72
C ALA B 151 6.26 -32.70 4.46
N ALA B 152 5.64 -33.06 3.34
CA ALA B 152 6.36 -33.24 2.08
C ALA B 152 7.12 -32.00 1.61
N PRO B 153 6.50 -30.81 1.61
CA PRO B 153 7.29 -29.65 1.19
C PRO B 153 8.29 -29.18 2.26
N LEU B 154 8.04 -29.52 3.51
CA LEU B 154 8.97 -29.16 4.59
C LEU B 154 10.26 -29.96 4.48
N ILE B 155 10.15 -31.20 4.02
CA ILE B 155 11.31 -32.05 3.82
C ILE B 155 12.16 -31.51 2.67
N LYS B 156 11.48 -31.04 1.63
CA LYS B 156 12.13 -30.44 0.47
C LYS B 156 13.00 -29.25 0.88
N ILE B 157 12.43 -28.35 1.67
CA ILE B 157 13.15 -27.18 2.17
C ILE B 157 14.34 -27.58 3.01
N GLY B 158 14.16 -28.60 3.85
CA GLY B 158 15.21 -29.08 4.73
C GLY B 158 16.40 -29.66 4.01
N ASP B 159 16.16 -30.33 2.88
CA ASP B 159 17.21 -30.98 2.13
C ASP B 159 18.07 -29.96 1.38
N TYR B 160 17.46 -28.86 0.98
CA TYR B 160 18.18 -27.77 0.35
C TYR B 160 19.15 -27.11 1.33
N ALA B 161 18.67 -26.85 2.54
CA ALA B 161 19.49 -26.19 3.56
C ALA B 161 20.53 -27.12 4.17
N LYS B 162 20.26 -28.42 4.15
CA LYS B 162 21.14 -29.40 4.75
C LYS B 162 22.46 -29.53 3.99
N LYS B 163 22.39 -29.37 2.68
CA LYS B 163 23.59 -29.48 1.84
C LYS B 163 24.47 -28.24 1.92
N THR B 164 25.68 -28.43 2.42
CA THR B 164 26.64 -27.33 2.53
C THR B 164 27.26 -27.08 1.17
N VAL B 165 27.39 -25.80 0.81
CA VAL B 165 27.82 -25.43 -0.54
C VAL B 165 28.98 -24.44 -0.50
N LEU B 166 29.91 -24.57 -1.44
CA LEU B 166 31.00 -23.62 -1.58
C LEU B 166 30.79 -22.77 -2.82
N LEU B 167 31.05 -21.48 -2.71
CA LEU B 167 30.78 -20.55 -3.79
C LEU B 167 32.03 -19.73 -4.14
N ASP B 168 32.29 -19.57 -5.43
CA ASP B 168 33.47 -18.84 -5.89
C ASP B 168 33.40 -17.35 -5.57
N ASP B 169 32.36 -16.70 -6.08
CA ASP B 169 32.19 -15.26 -5.91
C ASP B 169 30.74 -14.90 -5.63
N LEU B 170 30.49 -13.60 -5.46
CA LEU B 170 29.14 -13.11 -5.19
C LEU B 170 28.17 -13.44 -6.33
N ALA B 171 28.68 -13.49 -7.55
CA ALA B 171 27.87 -13.77 -8.72
C ALA B 171 27.28 -15.18 -8.68
N SER B 172 28.11 -16.15 -8.33
CA SER B 172 27.67 -17.54 -8.23
C SER B 172 26.85 -17.72 -6.96
N ALA B 173 27.11 -16.88 -5.97
CA ALA B 173 26.35 -16.88 -4.73
C ALA B 173 24.92 -16.39 -4.96
N LYS B 174 24.79 -15.34 -5.76
CA LYS B 174 23.48 -14.78 -6.07
C LYS B 174 22.62 -15.76 -6.85
N GLU B 175 23.23 -16.42 -7.84
CA GLU B 175 22.51 -17.37 -8.67
C GLU B 175 22.11 -18.61 -7.87
N HIS B 176 22.87 -18.90 -6.82
CA HIS B 176 22.53 -19.98 -5.91
C HIS B 176 21.28 -19.63 -5.11
N LEU B 177 21.20 -18.37 -4.68
CA LEU B 177 20.06 -17.89 -3.93
C LEU B 177 18.81 -17.85 -4.82
N LYS B 178 19.01 -17.54 -6.10
CA LYS B 178 17.91 -17.51 -7.06
C LYS B 178 17.33 -18.89 -7.29
N LEU B 179 18.08 -19.92 -6.92
CA LEU B 179 17.64 -21.30 -7.11
C LEU B 179 16.94 -21.85 -5.87
N ILE B 180 17.53 -21.60 -4.70
CA ILE B 180 16.96 -22.11 -3.44
C ILE B 180 15.84 -21.22 -2.93
N TYR B 181 15.88 -19.94 -3.30
CA TYR B 181 14.82 -18.99 -2.93
C TYR B 181 14.04 -18.55 -4.17
N ALA B 182 13.75 -19.50 -5.04
CA ALA B 182 13.08 -19.20 -6.31
C ALA B 182 11.62 -18.76 -6.13
N GLN B 183 11.05 -19.03 -4.97
CA GLN B 183 9.65 -18.72 -4.72
C GLN B 183 9.41 -17.37 -4.05
N ILE B 184 10.48 -16.69 -3.63
CA ILE B 184 10.33 -15.47 -2.86
C ILE B 184 9.87 -14.29 -3.72
N GLY B 185 10.10 -14.39 -5.03
CA GLY B 185 9.50 -13.48 -5.99
C GLY B 185 10.10 -12.08 -6.10
N ILE B 186 11.39 -11.95 -5.83
CA ILE B 186 12.07 -10.68 -6.00
C ILE B 186 12.04 -10.24 -7.47
N LYS B 187 11.64 -9.00 -7.72
CA LYS B 187 11.48 -8.52 -9.10
C LYS B 187 12.68 -7.72 -9.60
N ASN B 188 13.38 -7.05 -8.68
CA ASN B 188 14.52 -6.22 -9.05
C ASN B 188 15.86 -6.89 -8.73
N GLU B 189 16.81 -6.77 -9.65
CA GLU B 189 18.13 -7.35 -9.47
C GLU B 189 18.89 -6.69 -8.32
N GLU B 190 18.64 -5.39 -8.13
CA GLU B 190 19.27 -4.65 -7.03
C GLU B 190 18.90 -5.26 -5.68
N ASP B 191 17.71 -5.84 -5.61
CA ASP B 191 17.25 -6.47 -4.36
C ASP B 191 17.82 -7.88 -4.22
N TRP B 192 18.12 -8.52 -5.35
CA TRP B 192 18.81 -9.81 -5.32
C TRP B 192 20.26 -9.59 -4.87
N ASP B 193 20.82 -8.46 -5.27
CA ASP B 193 22.18 -8.10 -4.89
C ASP B 193 22.27 -7.81 -3.39
N TYR B 194 21.28 -7.07 -2.89
CA TYR B 194 21.23 -6.71 -1.48
C TYR B 194 21.08 -7.96 -0.61
N LEU B 195 20.20 -8.86 -1.05
CA LEU B 195 19.97 -10.11 -0.33
C LEU B 195 21.24 -10.95 -0.26
N THR B 196 21.90 -11.11 -1.39
CA THR B 196 23.13 -11.89 -1.48
C THR B 196 24.22 -11.35 -0.57
N LYS B 197 24.35 -10.03 -0.53
CA LYS B 197 25.38 -9.36 0.27
C LYS B 197 25.33 -9.79 1.74
N TYR B 198 24.13 -9.98 2.26
CA TYR B 198 23.95 -10.30 3.68
C TYR B 198 23.54 -11.75 3.91
N SER B 199 23.52 -12.54 2.84
CA SER B 199 23.15 -13.95 2.94
C SER B 199 24.39 -14.85 2.95
N VAL B 200 25.49 -14.34 2.41
CA VAL B 200 26.72 -15.11 2.34
C VAL B 200 27.84 -14.44 3.11
N ILE B 201 28.89 -15.20 3.39
CA ILE B 201 30.05 -14.69 4.13
C ILE B 201 31.31 -15.27 3.51
N SER B 202 32.39 -14.50 3.54
CA SER B 202 33.65 -14.92 2.94
C SER B 202 34.31 -16.03 3.75
N THR B 203 34.95 -16.95 3.04
CA THR B 203 35.69 -18.04 3.66
C THR B 203 37.17 -17.94 3.30
N PHE B 204 37.99 -18.74 3.98
CA PHE B 204 39.41 -18.78 3.67
C PHE B 204 39.62 -19.31 2.26
N GLY B 205 40.29 -18.53 1.42
CA GLY B 205 40.47 -18.89 0.03
C GLY B 205 39.81 -17.88 -0.90
N GLY B 206 39.07 -16.95 -0.32
CA GLY B 206 38.42 -15.90 -1.08
C GLY B 206 37.10 -16.36 -1.66
N LYS B 207 36.59 -17.47 -1.13
CA LYS B 207 35.31 -18.02 -1.57
C LYS B 207 34.21 -17.69 -0.57
N TYR B 208 32.97 -18.00 -0.94
CA TYR B 208 31.82 -17.62 -0.11
C TYR B 208 30.96 -18.80 0.35
N LYS B 209 30.48 -18.71 1.59
CA LYS B 209 29.55 -19.69 2.15
C LYS B 209 28.33 -18.98 2.73
N MET B 210 27.25 -19.73 2.93
CA MET B 210 26.04 -19.16 3.51
C MET B 210 26.27 -18.69 4.94
N ASN B 211 25.81 -17.49 5.25
CA ASN B 211 26.08 -16.86 6.54
C ASN B 211 25.18 -17.37 7.67
N TYR B 212 25.23 -18.68 7.93
CA TYR B 212 24.54 -19.25 9.08
C TYR B 212 25.18 -20.55 9.51
N ASP B 213 25.04 -20.87 10.79
CA ASP B 213 25.55 -22.13 11.35
C ASP B 213 24.84 -23.32 10.75
N PRO B 214 25.58 -24.20 10.05
CA PRO B 214 25.01 -25.40 9.44
C PRO B 214 24.42 -26.37 10.45
N ALA B 215 24.76 -26.19 11.74
CA ALA B 215 24.22 -27.05 12.79
C ALA B 215 22.74 -26.79 13.01
N ILE B 216 22.26 -25.65 12.52
CA ILE B 216 20.85 -25.31 12.58
C ILE B 216 20.04 -26.28 11.72
N THR B 217 20.64 -26.71 10.62
CA THR B 217 19.99 -27.60 9.66
C THR B 217 19.77 -29.00 10.24
N LYS B 218 20.41 -29.30 11.36
CA LYS B 218 20.23 -30.60 12.01
C LYS B 218 19.24 -30.50 13.16
N GLN B 226 8.89 -37.24 10.82
CA GLN B 226 8.42 -37.54 9.47
C GLN B 226 6.92 -37.24 9.34
N GLU B 227 6.34 -36.66 10.38
CA GLU B 227 4.92 -36.34 10.37
C GLU B 227 4.64 -34.88 10.03
N ASP B 228 3.37 -34.57 9.79
CA ASP B 228 2.91 -33.21 9.51
C ASP B 228 3.13 -32.29 10.70
N VAL B 229 3.04 -30.98 10.45
CA VAL B 229 3.19 -30.00 11.51
C VAL B 229 1.85 -29.32 11.80
N LYS B 230 1.37 -29.51 13.02
CA LYS B 230 0.08 -28.97 13.43
C LYS B 230 0.23 -27.91 14.51
N LEU B 231 -0.26 -26.72 14.22
CA LEU B 231 -0.18 -25.60 15.16
C LEU B 231 -1.56 -25.04 15.48
N TRP B 232 -2.58 -25.88 15.34
CA TRP B 232 -3.96 -25.44 15.53
C TRP B 232 -4.22 -24.96 16.95
N SER B 233 -3.69 -25.69 17.93
CA SER B 233 -3.85 -25.32 19.33
C SER B 233 -3.24 -23.95 19.62
N VAL B 234 -2.18 -23.63 18.88
CA VAL B 234 -1.51 -22.34 19.01
C VAL B 234 -2.29 -21.24 18.31
N TRP B 235 -2.68 -21.52 17.06
CA TRP B 235 -3.40 -20.57 16.23
C TRP B 235 -4.74 -20.14 16.82
N ASN B 236 -5.44 -21.07 17.46
CA ASN B 236 -6.74 -20.80 18.02
C ASN B 236 -6.69 -19.86 19.23
N LYS B 237 -5.53 -19.81 19.89
CA LYS B 237 -5.40 -19.05 21.12
C LYS B 237 -4.97 -17.60 20.88
N ILE B 238 -4.54 -17.30 19.65
CA ILE B 238 -4.10 -15.95 19.31
C ILE B 238 -5.30 -14.99 19.32
N LYS B 239 -5.15 -13.87 20.03
CA LYS B 239 -6.27 -12.95 20.25
C LYS B 239 -5.99 -11.50 19.85
N CYS B 240 -5.08 -11.29 18.91
CA CYS B 240 -4.78 -9.92 18.46
C CYS B 240 -5.06 -9.75 16.97
N ARG B 241 -4.77 -8.55 16.44
CA ARG B 241 -5.00 -8.26 15.02
C ARG B 241 -4.02 -9.03 14.14
N ILE B 242 -4.55 -9.76 13.17
CA ILE B 242 -3.72 -10.63 12.35
C ILE B 242 -3.74 -10.31 10.86
N LEU B 243 -2.56 -10.25 10.26
CA LEU B 243 -2.44 -10.22 8.80
C LEU B 243 -1.66 -11.45 8.34
N VAL B 244 -2.28 -12.25 7.48
CA VAL B 244 -1.59 -13.39 6.91
C VAL B 244 -1.21 -13.11 5.46
N ILE B 245 0.08 -13.02 5.20
CA ILE B 245 0.58 -12.86 3.85
C ILE B 245 0.76 -14.23 3.24
N HIS B 246 0.18 -14.46 2.07
CA HIS B 246 0.19 -15.78 1.46
C HIS B 246 0.68 -15.75 0.03
N GLY B 247 1.77 -16.48 -0.23
CA GLY B 247 2.23 -16.70 -1.58
C GLY B 247 1.32 -17.74 -2.20
N MET B 248 0.77 -17.43 -3.37
CA MET B 248 -0.25 -18.29 -3.97
C MET B 248 0.33 -19.60 -4.51
N LYS B 249 1.64 -19.60 -4.79
CA LYS B 249 2.31 -20.80 -5.26
C LYS B 249 2.98 -21.57 -4.12
N SER B 250 2.58 -21.27 -2.89
CA SER B 250 3.18 -21.89 -1.71
C SER B 250 2.63 -23.27 -1.40
N GLN B 251 3.50 -24.16 -0.95
CA GLN B 251 3.12 -25.49 -0.52
C GLN B 251 3.21 -25.57 1.01
N ILE B 252 3.84 -24.57 1.60
CA ILE B 252 3.98 -24.49 3.05
C ILE B 252 2.70 -23.92 3.66
N LEU B 253 2.11 -22.96 2.95
CA LEU B 253 0.81 -22.42 3.33
C LEU B 253 -0.16 -22.55 2.17
N THR B 254 -1.19 -23.37 2.35
CA THR B 254 -2.11 -23.67 1.27
C THR B 254 -3.48 -23.03 1.48
N LYS B 255 -4.28 -23.01 0.41
CA LYS B 255 -5.61 -22.43 0.46
C LYS B 255 -6.52 -23.18 1.44
N SER B 256 -6.35 -24.49 1.50
CA SER B 256 -7.15 -25.32 2.39
C SER B 256 -6.84 -25.02 3.85
N THR B 257 -5.56 -24.83 4.15
CA THR B 257 -5.13 -24.46 5.50
C THR B 257 -5.69 -23.09 5.89
N ILE B 258 -5.65 -22.15 4.96
CA ILE B 258 -6.15 -20.80 5.19
C ILE B 258 -7.65 -20.79 5.45
N GLN B 259 -8.38 -21.57 4.67
CA GLN B 259 -9.83 -21.66 4.82
C GLN B 259 -10.20 -22.24 6.16
N LYS B 260 -9.41 -23.22 6.61
CA LYS B 260 -9.62 -23.84 7.92
C LYS B 260 -9.27 -22.86 9.03
N MET B 261 -8.28 -22.01 8.78
CA MET B 261 -7.84 -21.00 9.74
C MET B 261 -8.93 -19.95 10.00
N LYS B 262 -9.70 -19.64 8.96
CA LYS B 262 -10.75 -18.63 9.06
C LYS B 262 -11.90 -19.08 9.95
N LYS B 263 -12.04 -20.40 10.09
CA LYS B 263 -13.13 -20.98 10.88
C LYS B 263 -12.88 -20.87 12.38
N THR B 264 -11.62 -20.70 12.77
CA THR B 264 -11.26 -20.70 14.18
C THR B 264 -10.74 -19.35 14.66
N ASN B 265 -10.38 -18.49 13.71
CA ASN B 265 -9.87 -17.16 14.04
C ASN B 265 -10.11 -16.18 12.90
N THR B 266 -10.07 -14.88 13.21
CA THR B 266 -10.30 -13.86 12.20
C THR B 266 -9.01 -13.14 11.84
N PHE B 267 -8.82 -12.88 10.56
CA PHE B 267 -7.58 -12.28 10.06
C PHE B 267 -7.76 -11.71 8.65
N ASP B 268 -6.95 -10.72 8.32
CA ASP B 268 -6.89 -10.20 6.96
C ASP B 268 -5.94 -11.06 6.13
N LEU B 269 -6.21 -11.15 4.83
CA LEU B 269 -5.41 -12.00 3.95
C LEU B 269 -4.82 -11.22 2.78
N TYR B 270 -3.50 -11.23 2.68
CA TYR B 270 -2.80 -10.59 1.57
C TYR B 270 -2.26 -11.67 0.64
N GLU B 271 -2.86 -11.79 -0.54
CA GLU B 271 -2.46 -12.82 -1.49
C GLU B 271 -1.53 -12.27 -2.55
N ILE B 272 -0.43 -12.98 -2.78
CA ILE B 272 0.58 -12.57 -3.75
C ILE B 272 0.72 -13.62 -4.84
N LYS B 273 0.33 -13.26 -6.06
CA LYS B 273 0.24 -14.22 -7.16
C LYS B 273 1.58 -14.78 -7.60
N TYR B 274 2.62 -13.94 -7.60
CA TYR B 274 3.89 -14.31 -8.21
C TYR B 274 4.85 -15.04 -7.28
N ALA B 275 4.44 -15.22 -6.02
CA ALA B 275 5.35 -15.75 -5.01
C ALA B 275 4.86 -17.05 -4.37
N GLY B 276 5.81 -17.85 -3.90
CA GLY B 276 5.52 -19.05 -3.14
C GLY B 276 5.89 -18.84 -1.68
N HIS B 277 6.67 -19.77 -1.13
CA HIS B 277 7.16 -19.65 0.23
C HIS B 277 8.63 -19.22 0.26
N ALA B 278 8.91 -18.02 0.77
CA ALA B 278 7.90 -17.07 1.21
C ALA B 278 8.19 -15.72 0.56
N PRO B 279 7.18 -14.83 0.49
CA PRO B 279 7.41 -13.50 -0.10
C PRO B 279 8.59 -12.77 0.54
N SER B 280 9.40 -12.13 -0.30
CA SER B 280 10.66 -11.53 0.15
C SER B 280 10.45 -10.28 1.00
N LEU B 281 9.31 -9.62 0.80
CA LEU B 281 9.03 -8.32 1.39
C LEU B 281 10.07 -7.29 0.94
N MET B 282 10.56 -7.47 -0.29
CA MET B 282 11.53 -6.56 -0.87
C MET B 282 10.93 -5.88 -2.10
N ASN B 283 9.78 -6.36 -2.55
CA ASN B 283 9.04 -5.70 -3.60
C ASN B 283 8.21 -4.56 -3.03
N ASP B 284 8.33 -3.38 -3.63
CA ASP B 284 7.59 -2.20 -3.19
C ASP B 284 6.10 -2.49 -3.05
N GLU B 285 5.59 -3.25 -4.01
CA GLU B 285 4.24 -3.80 -3.97
C GLU B 285 3.84 -4.33 -2.60
N GLU B 286 4.65 -5.23 -2.06
CA GLU B 286 4.38 -5.87 -0.79
C GLU B 286 4.57 -4.92 0.39
N ILE B 287 5.66 -4.15 0.33
CA ILE B 287 6.00 -3.18 1.37
C ILE B 287 4.88 -2.16 1.56
N TYR B 288 4.40 -1.61 0.46
CA TYR B 288 3.37 -0.57 0.51
C TYR B 288 2.03 -1.10 0.98
N TYR B 289 1.73 -2.36 0.67
CA TYR B 289 0.49 -2.96 1.15
C TYR B 289 0.51 -3.11 2.67
N ILE B 290 1.62 -3.62 3.18
CA ILE B 290 1.79 -3.79 4.62
C ILE B 290 1.70 -2.44 5.32
N GLU B 291 2.36 -1.44 4.76
CA GLU B 291 2.33 -0.09 5.30
C GLU B 291 0.91 0.47 5.29
N SER B 292 0.13 0.10 4.28
CA SER B 292 -1.25 0.53 4.18
C SER B 292 -2.09 -0.17 5.26
N TRP B 293 -1.88 -1.47 5.40
CA TRP B 293 -2.61 -2.27 6.38
C TRP B 293 -2.37 -1.77 7.80
N LEU B 294 -1.15 -1.33 8.07
CA LEU B 294 -0.79 -0.80 9.39
C LEU B 294 -1.46 0.55 9.65
N LYS B 295 -1.79 1.27 8.59
CA LYS B 295 -2.39 2.60 8.72
C LYS B 295 -3.90 2.55 8.92
N GLN B 296 -4.49 1.38 8.69
CA GLN B 296 -5.94 1.21 8.88
C GLN B 296 -6.31 1.44 10.34
N LYS B 297 -5.66 0.71 11.25
CA LYS B 297 -5.81 0.97 12.66
C LYS B 297 -4.72 1.94 13.11
N SER B 298 -4.87 2.51 14.30
CA SER B 298 -3.89 3.45 14.83
C SER B 298 -2.87 2.71 15.69
#